data_9FAL
#
_entry.id   9FAL
#
_cell.length_a   52.854
_cell.length_b   74.588
_cell.length_c   68.290
_cell.angle_alpha   90.00
_cell.angle_beta   102.54
_cell.angle_gamma   90.00
#
_symmetry.space_group_name_H-M   'P 1 21 1'
#
loop_
_entity.id
_entity.type
_entity.pdbx_description
1 polymer 'Lysosomal acid glucosylceramidase'
2 branched 2-acetamido-2-deoxy-beta-D-glucopyranose-(1-4)-2-acetamido-2-deoxy-beta-D-glucopyranose
3 non-polymer 2-acetamido-2-deoxy-beta-D-glucopyranose
4 non-polymer 'POTASSIUM ION'
5 non-polymer 1,2-ETHANEDIOL
6 non-polymer 'SULFATE ION'
7 non-polymer ~{N}-[(2~{S})-2-azanyl-2-phenyl-ethyl]-3,5-bis(fluoranyl)benzenesulfonamide
8 non-polymer pyrrolidin-2-one
9 water water
#
_entity_poly.entity_id   1
_entity_poly.type   'polypeptide(L)'
_entity_poly.pdbx_seq_one_letter_code
;MEFSSPSREECPKPLSRVSIMAGSLTGLLLLQAVSWASGARPCIPKSFGYSSVVCVCNATYCDSFDPPTFPALGTFSRYE
STRSGRRMELSMGPIQANHTGTGLLLTLQPEQKFQKVKGFGGAMTDAAALNILALSPPAQNLLLKSYFSEEGIGYNIIRV
PMASCDFSIRTYTYADTPDDFQLHNFSLPEEDTKLKIPLIHRALQLAQRPVSLLASPWTSPTWLKTNGAVNGKGSLKGQP
GDIYHQTWARYFVKFLDAYAEHKLQFWAVTAENEPSAGLLSGYPFQCLGFTPEHQRDFIARDLGPTLANSTHHNVRLLML
DDQRLLLPHWAKVVLTDPEAAKYVHGIAVHWYLDFLAPAKATLGETHRLFPNTMLFASEA(CSD)VGSKFWEQSVRLGSW
DRGMQYSHSIITNLLYHVVGWTDWNLALNPEGGPNWVRNFVDSPIIVDITKDTFYKQPMFYHLGHFSKFIPEGSQRVGLV
ASQKNDLDAVALMHPDGSAVVVVLNRSSKDVPLTIKDPAVGFLETISPGYSIHTYLWRRQHHHHHHHHHH
;
_entity_poly.pdbx_strand_id   A
#
# COMPACT_ATOMS: atom_id res chain seq x y z
N ALA A 40 0.65 -24.31 -8.77
CA ALA A 40 1.04 -25.22 -7.66
C ALA A 40 -0.21 -25.74 -6.94
N ARG A 41 -1.00 -24.85 -6.31
CA ARG A 41 -2.30 -25.24 -5.78
C ARG A 41 -3.34 -24.20 -6.21
N PRO A 42 -4.43 -24.68 -6.84
CA PRO A 42 -5.46 -23.76 -7.29
C PRO A 42 -6.40 -23.23 -6.19
N CYS A 43 -7.03 -22.09 -6.49
CA CYS A 43 -8.09 -21.48 -5.69
C CYS A 43 -9.17 -22.52 -5.41
N ILE A 44 -9.60 -22.62 -4.15
CA ILE A 44 -10.82 -23.28 -3.80
C ILE A 44 -11.87 -22.20 -3.61
N PRO A 45 -12.79 -22.09 -4.58
CA PRO A 45 -13.72 -20.97 -4.58
C PRO A 45 -14.91 -21.16 -3.65
N LYS A 46 -15.37 -20.06 -3.08
CA LYS A 46 -16.61 -20.05 -2.35
C LYS A 46 -17.35 -18.74 -2.64
N SER A 47 -18.65 -18.89 -2.85
CA SER A 47 -19.53 -17.75 -3.08
C SER A 47 -20.24 -17.36 -1.77
N PHE A 48 -20.34 -16.06 -1.52
CA PHE A 48 -21.13 -15.55 -0.39
C PHE A 48 -22.26 -14.64 -0.91
N GLY A 49 -22.61 -14.77 -2.17
CA GLY A 49 -23.72 -14.05 -2.77
C GLY A 49 -23.34 -12.73 -3.41
N TYR A 50 -22.05 -12.37 -3.43
CA TYR A 50 -21.60 -11.16 -4.09
C TYR A 50 -21.23 -11.52 -5.53
N SER A 51 -20.59 -10.63 -6.26
CA SER A 51 -20.49 -10.83 -7.71
C SER A 51 -19.45 -11.89 -8.08
N SER A 52 -18.53 -12.22 -7.17
CA SER A 52 -17.52 -13.22 -7.51
C SER A 52 -17.26 -14.10 -6.28
N VAL A 53 -16.15 -14.81 -6.31
CA VAL A 53 -15.84 -15.82 -5.29
C VAL A 53 -14.65 -15.32 -4.47
N VAL A 54 -14.56 -15.85 -3.27
CA VAL A 54 -13.32 -15.80 -2.50
C VAL A 54 -12.60 -17.14 -2.70
N CYS A 55 -11.32 -17.13 -2.39
CA CYS A 55 -10.56 -18.36 -2.33
C CYS A 55 -10.39 -18.74 -0.86
N VAL A 56 -10.68 -19.98 -0.53
CA VAL A 56 -10.75 -20.43 0.85
C VAL A 56 -9.44 -21.14 1.19
N CYS A 57 -8.83 -20.69 2.27
CA CYS A 57 -7.59 -21.28 2.81
C CYS A 57 -7.81 -21.67 4.27
N ASN A 58 -7.04 -22.63 4.74
CA ASN A 58 -7.25 -23.18 6.08
C ASN A 58 -5.93 -23.80 6.56
N ALA A 59 -5.99 -24.68 7.54
CA ALA A 59 -4.74 -25.18 8.16
C ALA A 59 -4.04 -26.18 7.24
N THR A 60 -4.71 -26.71 6.22
CA THR A 60 -4.10 -27.76 5.40
C THR A 60 -4.04 -27.37 3.92
N TYR A 61 -4.57 -26.22 3.53
CA TYR A 61 -4.68 -25.90 2.12
C TYR A 61 -4.71 -24.39 1.90
N CYS A 62 -3.90 -23.95 0.94
CA CYS A 62 -4.05 -22.62 0.43
C CYS A 62 -3.59 -22.61 -1.03
N ASP A 63 -4.21 -21.77 -1.82
CA ASP A 63 -3.74 -21.62 -3.20
C ASP A 63 -2.39 -20.98 -3.22
N SER A 64 -1.54 -21.42 -4.14
CA SER A 64 -0.18 -20.97 -4.21
C SER A 64 0.38 -21.17 -5.61
N PHE A 65 1.38 -20.37 -5.91
CA PHE A 65 2.12 -20.51 -7.17
C PHE A 65 3.32 -21.44 -7.04
N ASP A 66 3.72 -22.00 -8.18
CA ASP A 66 5.05 -22.56 -8.31
C ASP A 66 6.14 -21.50 -8.19
N PRO A 67 7.39 -21.92 -7.92
CA PRO A 67 8.49 -20.95 -7.89
C PRO A 67 8.51 -20.14 -9.20
N PRO A 68 8.75 -18.84 -9.10
CA PRO A 68 8.64 -17.99 -10.28
C PRO A 68 9.68 -18.37 -11.34
N THR A 69 9.23 -18.40 -12.59
CA THR A 69 10.12 -18.59 -13.75
C THR A 69 9.62 -17.67 -14.87
N PHE A 70 10.55 -17.19 -15.68
CA PHE A 70 10.19 -16.39 -16.85
C PHE A 70 9.93 -17.29 -18.05
N PRO A 71 8.99 -16.89 -18.92
CA PRO A 71 8.74 -17.62 -20.14
C PRO A 71 9.96 -17.59 -21.07
N ALA A 72 10.02 -18.59 -21.94
CA ALA A 72 11.07 -18.73 -22.94
C ALA A 72 11.17 -17.45 -23.78
N LEU A 73 12.39 -17.08 -24.19
CA LEU A 73 12.56 -15.98 -25.13
C LEU A 73 11.63 -16.24 -26.33
N GLY A 74 10.92 -15.22 -26.80
CA GLY A 74 9.96 -15.42 -27.90
C GLY A 74 8.58 -15.88 -27.45
N THR A 75 8.38 -16.04 -26.14
CA THR A 75 7.10 -16.39 -25.54
CA THR A 75 7.06 -16.38 -25.58
C THR A 75 6.74 -15.33 -24.51
N PHE A 76 5.45 -15.12 -24.27
CA PHE A 76 5.01 -14.29 -23.15
C PHE A 76 4.18 -15.15 -22.19
N SER A 77 4.19 -14.72 -20.94
CA SER A 77 3.30 -15.26 -19.89
C SER A 77 2.11 -14.31 -19.67
N ARG A 78 0.94 -14.89 -19.42
CA ARG A 78 -0.26 -14.13 -19.13
C ARG A 78 -0.92 -14.74 -17.89
N TYR A 79 -1.05 -13.93 -16.85
CA TYR A 79 -1.80 -14.34 -15.66
C TYR A 79 -3.17 -13.66 -15.71
N GLU A 80 -4.25 -14.43 -15.53
CA GLU A 80 -5.60 -13.93 -15.73
C GLU A 80 -6.44 -14.15 -14.46
N SER A 81 -7.15 -13.11 -14.03
CA SER A 81 -8.20 -13.30 -13.03
C SER A 81 -9.49 -12.76 -13.63
N THR A 82 -10.62 -13.40 -13.35
CA THR A 82 -11.89 -12.98 -13.91
C THR A 82 -12.98 -13.03 -12.84
N ARG A 83 -13.99 -12.19 -13.04
CA ARG A 83 -15.17 -12.23 -12.21
C ARG A 83 -15.78 -13.62 -12.20
N SER A 84 -15.74 -14.31 -13.33
CA SER A 84 -16.32 -15.64 -13.43
C SER A 84 -15.55 -16.67 -12.57
N GLY A 85 -14.36 -16.32 -12.08
CA GLY A 85 -13.74 -17.10 -11.03
C GLY A 85 -12.29 -17.49 -11.27
N ARG A 86 -11.70 -17.15 -12.42
CA ARG A 86 -10.30 -17.46 -12.62
C ARG A 86 -9.46 -16.60 -11.66
N ARG A 87 -8.44 -17.20 -11.06
CA ARG A 87 -7.61 -16.49 -10.10
C ARG A 87 -6.13 -16.67 -10.48
N MET A 88 -5.56 -15.62 -11.06
CA MET A 88 -4.15 -15.56 -11.46
C MET A 88 -3.71 -16.86 -12.16
N GLU A 89 -4.51 -17.30 -13.12
CA GLU A 89 -4.20 -18.49 -13.92
C GLU A 89 -3.22 -18.15 -15.05
N LEU A 90 -2.21 -19.00 -15.20
CA LEU A 90 -1.14 -18.80 -16.17
C LEU A 90 -1.42 -19.48 -17.51
N SER A 91 -1.23 -18.74 -18.58
CA SER A 91 -1.12 -19.30 -19.89
C SER A 91 0.03 -18.59 -20.62
N MET A 92 0.58 -19.26 -21.61
CA MET A 92 1.67 -18.70 -22.38
C MET A 92 1.26 -18.62 -23.85
N GLY A 93 1.87 -17.68 -24.56
CA GLY A 93 1.67 -17.53 -25.98
C GLY A 93 2.92 -17.03 -26.68
N PRO A 94 2.90 -17.07 -28.01
CA PRO A 94 4.07 -16.70 -28.79
C PRO A 94 4.08 -15.19 -29.00
N ILE A 95 5.29 -14.64 -29.00
CA ILE A 95 5.51 -13.33 -29.53
C ILE A 95 5.73 -13.48 -31.02
N GLN A 96 4.96 -12.72 -31.78
CA GLN A 96 4.93 -12.87 -33.21
C GLN A 96 5.63 -11.69 -33.90
N ALA A 97 6.29 -11.99 -35.01
CA ALA A 97 7.02 -10.96 -35.78
C ALA A 97 6.06 -9.94 -36.41
N ASN A 98 4.87 -10.37 -36.80
CA ASN A 98 4.00 -9.60 -37.66
C ASN A 98 2.62 -9.42 -37.03
N HIS A 99 1.95 -8.36 -37.43
CA HIS A 99 0.61 -8.04 -37.01
C HIS A 99 -0.10 -7.27 -38.14
N THR A 100 -1.31 -7.72 -38.44
CA THR A 100 -2.21 -7.05 -39.36
C THR A 100 -3.55 -6.82 -38.65
N GLY A 101 -4.33 -5.86 -39.14
CA GLY A 101 -5.65 -5.62 -38.54
C GLY A 101 -5.79 -4.19 -38.04
N THR A 102 -7.02 -3.80 -37.74
CA THR A 102 -7.32 -2.44 -37.29
C THR A 102 -7.89 -2.49 -35.87
N GLY A 103 -7.56 -3.56 -35.13
CA GLY A 103 -7.97 -3.68 -33.76
C GLY A 103 -7.10 -2.82 -32.86
N LEU A 104 -7.47 -2.78 -31.61
CA LEU A 104 -6.75 -1.94 -30.64
C LEU A 104 -5.30 -2.44 -30.54
N LEU A 105 -4.34 -1.50 -30.67
CA LEU A 105 -2.94 -1.80 -30.50
C LEU A 105 -2.42 -0.94 -29.34
N LEU A 106 -1.75 -1.54 -28.39
CA LEU A 106 -1.05 -0.81 -27.32
C LEU A 106 0.44 -0.97 -27.58
N THR A 107 1.15 0.12 -27.88
CA THR A 107 2.54 0.05 -28.24
C THR A 107 3.40 0.46 -27.04
N LEU A 108 4.23 -0.45 -26.59
CA LEU A 108 5.16 -0.18 -25.51
C LEU A 108 6.14 0.92 -25.95
N GLN A 109 6.43 1.81 -24.99
CA GLN A 109 7.39 2.91 -25.20
C GLN A 109 8.53 2.70 -24.20
N PRO A 110 9.37 1.70 -24.44
CA PRO A 110 10.37 1.26 -23.43
C PRO A 110 11.37 2.38 -23.10
N GLU A 111 11.58 3.34 -24.01
CA GLU A 111 12.57 4.41 -23.77
C GLU A 111 11.90 5.67 -23.18
N GLN A 112 10.57 5.68 -23.08
CA GLN A 112 9.87 6.77 -22.41
C GLN A 112 9.69 6.35 -20.95
N LYS A 113 10.60 6.88 -20.11
CA LYS A 113 10.72 6.36 -18.77
C LYS A 113 10.12 7.33 -17.75
N PHE A 114 9.45 6.78 -16.75
CA PHE A 114 8.85 7.59 -15.71
C PHE A 114 9.48 7.21 -14.38
N GLN A 115 8.67 6.95 -13.37
CA GLN A 115 9.19 6.78 -12.01
C GLN A 115 9.68 5.35 -11.79
N LYS A 116 10.63 5.24 -10.86
CA LYS A 116 11.02 3.93 -10.35
C LYS A 116 10.14 3.53 -9.15
N VAL A 117 9.82 2.27 -9.08
CA VAL A 117 8.86 1.72 -8.10
C VAL A 117 9.58 1.24 -6.84
N LYS A 118 9.06 1.66 -5.71
CA LYS A 118 9.54 1.21 -4.43
C LYS A 118 8.89 -0.14 -4.09
N GLY A 119 7.59 -0.23 -4.25
CA GLY A 119 6.94 -1.56 -4.09
C GLY A 119 5.51 -1.47 -3.62
N PHE A 120 5.06 -2.59 -3.01
CA PHE A 120 3.67 -2.84 -2.68
C PHE A 120 3.63 -3.56 -1.35
N GLY A 121 2.65 -3.22 -0.54
CA GLY A 121 2.44 -4.01 0.68
C GLY A 121 1.20 -3.57 1.41
N GLY A 122 1.25 -3.72 2.72
CA GLY A 122 0.08 -3.48 3.55
C GLY A 122 0.47 -3.17 4.99
N ALA A 123 -0.53 -2.98 5.87
CA ALA A 123 -0.28 -2.46 7.25
C ALA A 123 -0.44 -3.55 8.32
N MET A 124 0.58 -3.68 9.13
CA MET A 124 0.54 -4.54 10.35
C MET A 124 -0.01 -3.72 11.52
N THR A 125 -1.31 -3.48 11.47
CA THR A 125 -2.03 -2.88 12.58
C THR A 125 -2.21 -3.91 13.70
N ASP A 126 -2.59 -3.40 14.88
CA ASP A 126 -2.94 -4.30 15.98
C ASP A 126 -4.07 -5.24 15.54
N ALA A 127 -5.07 -4.73 14.82
CA ALA A 127 -6.19 -5.58 14.38
C ALA A 127 -5.65 -6.67 13.43
N ALA A 128 -4.76 -6.32 12.50
CA ALA A 128 -4.24 -7.34 11.57
C ALA A 128 -3.47 -8.41 12.34
N ALA A 129 -2.63 -7.97 13.27
CA ALA A 129 -1.83 -8.88 14.07
C ALA A 129 -2.74 -9.82 14.87
N LEU A 130 -3.78 -9.28 15.53
CA LEU A 130 -4.67 -10.12 16.34
C LEU A 130 -5.40 -11.16 15.49
N ASN A 131 -5.81 -10.75 14.31
CA ASN A 131 -6.51 -11.62 13.40
C ASN A 131 -5.59 -12.73 12.90
N ILE A 132 -4.40 -12.37 12.47
CA ILE A 132 -3.49 -13.40 11.98
C ILE A 132 -3.16 -14.39 13.09
N LEU A 133 -2.85 -13.88 14.28
CA LEU A 133 -2.40 -14.77 15.37
C LEU A 133 -3.56 -15.55 15.98
N ALA A 134 -4.82 -15.21 15.67
CA ALA A 134 -5.94 -15.99 16.12
C ALA A 134 -6.11 -17.27 15.28
N LEU A 135 -5.45 -17.33 14.12
CA LEU A 135 -5.41 -18.56 13.33
C LEU A 135 -4.45 -19.57 13.95
N SER A 136 -4.62 -20.83 13.59
CA SER A 136 -3.72 -21.91 14.00
C SER A 136 -2.34 -21.61 13.37
N PRO A 137 -1.28 -22.07 14.00
CA PRO A 137 0.05 -21.88 13.36
C PRO A 137 0.17 -22.24 11.87
N PRO A 138 -0.35 -23.35 11.42
CA PRO A 138 -0.34 -23.66 9.99
C PRO A 138 -1.07 -22.62 9.15
N ALA A 139 -2.27 -22.23 9.55
CA ALA A 139 -3.01 -21.23 8.76
C ALA A 139 -2.30 -19.86 8.83
N GLN A 140 -1.72 -19.49 9.97
CA GLN A 140 -0.95 -18.25 10.04
C GLN A 140 0.13 -18.26 8.96
N ASN A 141 0.81 -19.39 8.82
CA ASN A 141 1.94 -19.49 7.92
C ASN A 141 1.46 -19.35 6.47
N LEU A 142 0.36 -20.00 6.15
CA LEU A 142 -0.19 -19.92 4.80
C LEU A 142 -0.69 -18.51 4.47
N LEU A 143 -1.23 -17.79 5.46
CA LEU A 143 -1.64 -16.40 5.26
C LEU A 143 -0.41 -15.53 4.97
N LEU A 144 0.61 -15.62 5.82
CA LEU A 144 1.82 -14.81 5.62
C LEU A 144 2.51 -15.18 4.31
N LYS A 145 2.56 -16.45 3.94
CA LYS A 145 3.14 -16.84 2.65
C LYS A 145 2.33 -16.25 1.50
N SER A 146 1.01 -16.19 1.65
CA SER A 146 0.15 -15.65 0.62
C SER A 146 0.61 -14.23 0.24
N TYR A 147 0.95 -13.42 1.26
CA TYR A 147 1.38 -12.08 1.00
C TYR A 147 2.88 -11.96 0.67
N PHE A 148 3.75 -12.66 1.37
CA PHE A 148 5.18 -12.29 1.44
C PHE A 148 6.08 -13.26 0.67
N SER A 149 5.64 -14.45 0.35
CA SER A 149 6.56 -15.35 -0.29
C SER A 149 6.43 -15.29 -1.82
N GLU A 150 7.42 -15.87 -2.50
CA GLU A 150 7.36 -16.01 -3.95
C GLU A 150 6.30 -17.04 -4.37
N GLU A 151 5.85 -17.91 -3.46
CA GLU A 151 4.64 -18.77 -3.69
C GLU A 151 3.34 -17.97 -3.52
N GLY A 152 3.43 -16.71 -3.08
CA GLY A 152 2.31 -15.79 -2.97
C GLY A 152 2.53 -14.56 -3.83
N ILE A 153 2.19 -13.38 -3.32
CA ILE A 153 2.14 -12.18 -4.21
C ILE A 153 3.29 -11.21 -3.94
N GLY A 154 4.29 -11.61 -3.15
CA GLY A 154 5.59 -10.89 -3.15
C GLY A 154 5.55 -9.49 -2.57
N TYR A 155 4.70 -9.20 -1.59
CA TYR A 155 4.76 -7.90 -0.89
C TYR A 155 6.17 -7.58 -0.39
N ASN A 156 6.54 -6.31 -0.51
CA ASN A 156 7.84 -5.88 -0.01
C ASN A 156 7.76 -4.61 0.86
N ILE A 157 6.55 -4.23 1.29
CA ILE A 157 6.38 -3.08 2.18
C ILE A 157 5.45 -3.49 3.33
N ILE A 158 5.83 -3.11 4.54
CA ILE A 158 4.91 -3.20 5.66
C ILE A 158 4.83 -1.86 6.39
N ARG A 159 3.62 -1.35 6.53
CA ARG A 159 3.43 -0.11 7.31
C ARG A 159 3.07 -0.48 8.76
N VAL A 160 3.72 0.19 9.70
CA VAL A 160 3.68 -0.15 11.11
C VAL A 160 3.21 1.11 11.84
N PRO A 161 2.01 1.09 12.42
CA PRO A 161 1.61 2.19 13.30
C PRO A 161 2.55 2.34 14.49
N MET A 162 2.85 3.59 14.82
CA MET A 162 3.52 3.91 16.06
C MET A 162 2.46 4.03 17.15
N ALA A 163 2.32 2.94 17.89
CA ALA A 163 1.34 2.76 18.94
C ALA A 163 -0.06 2.64 18.37
N SER A 164 -1.09 3.09 19.10
CA SER A 164 -2.43 2.65 18.81
C SER A 164 -3.09 3.51 17.72
N CYS A 165 -4.01 2.88 17.03
CA CYS A 165 -4.87 3.61 16.10
C CYS A 165 -6.33 3.13 16.23
N ASP A 166 -7.19 3.41 15.24
CA ASP A 166 -8.58 2.93 15.32
C ASP A 166 -8.63 1.39 15.23
N PHE A 167 -7.71 0.80 14.43
CA PHE A 167 -7.56 -0.66 14.27
C PHE A 167 -6.67 -1.21 15.38
N SER A 168 -7.12 -0.88 16.61
CA SER A 168 -6.56 -1.26 17.89
C SER A 168 -7.75 -1.56 18.81
N ILE A 169 -7.54 -2.41 19.82
CA ILE A 169 -8.58 -2.65 20.81
C ILE A 169 -8.25 -1.97 22.14
N ARG A 170 -7.04 -1.45 22.27
CA ARG A 170 -6.59 -0.75 23.47
C ARG A 170 -6.04 0.60 23.00
N THR A 171 -6.30 1.65 23.78
CA THR A 171 -5.73 2.94 23.44
C THR A 171 -4.51 3.14 24.33
N TYR A 172 -3.37 3.38 23.69
CA TYR A 172 -2.07 3.54 24.38
C TYR A 172 -1.15 4.34 23.44
N THR A 173 -0.17 4.96 24.06
CA THR A 173 1.03 5.45 23.36
C THR A 173 2.21 4.73 24.01
N TYR A 174 3.41 5.02 23.52
CA TYR A 174 4.61 4.44 24.08
C TYR A 174 5.13 5.24 25.28
N ALA A 175 4.51 6.38 25.61
CA ALA A 175 5.00 7.23 26.70
C ALA A 175 3.80 7.89 27.40
N ASP A 176 2.95 7.07 28.01
CA ASP A 176 1.73 7.56 28.67
C ASP A 176 1.97 8.20 30.04
N THR A 177 3.12 7.95 30.65
CA THR A 177 3.44 8.58 31.92
C THR A 177 3.67 10.08 31.71
N PRO A 178 2.86 10.92 32.38
CA PRO A 178 2.87 12.34 32.09
C PRO A 178 4.16 13.07 32.49
N ASP A 179 4.40 14.19 31.79
CA ASP A 179 5.48 15.12 32.00
C ASP A 179 6.88 14.50 31.87
N ASP A 180 6.96 13.40 31.13
CA ASP A 180 8.22 12.70 30.92
C ASP A 180 8.94 13.26 29.67
N PHE A 181 9.39 14.51 29.71
CA PHE A 181 9.85 15.17 28.49
C PHE A 181 11.13 14.53 27.96
N GLN A 182 11.93 13.89 28.81
CA GLN A 182 13.14 13.22 28.29
C GLN A 182 12.82 11.77 27.88
N LEU A 183 11.57 11.33 28.06
CA LEU A 183 11.05 10.01 27.60
C LEU A 183 11.83 8.84 28.22
N HIS A 184 12.18 8.95 29.49
CA HIS A 184 12.81 7.84 30.20
C HIS A 184 11.88 6.63 30.30
N ASN A 185 10.56 6.84 30.27
CA ASN A 185 9.59 5.78 30.43
C ASN A 185 9.02 5.37 29.07
N PHE A 186 9.62 5.82 27.99
CA PHE A 186 9.21 5.31 26.66
C PHE A 186 9.45 3.80 26.62
N SER A 187 8.49 3.00 26.17
CA SER A 187 8.71 1.56 26.05
C SER A 187 7.65 0.97 25.12
N LEU A 188 8.00 -0.16 24.50
CA LEU A 188 7.10 -0.89 23.62
C LEU A 188 6.28 -1.88 24.45
N PRO A 189 4.95 -1.84 24.33
CA PRO A 189 4.09 -2.79 25.01
C PRO A 189 3.98 -4.10 24.22
N GLU A 190 3.17 -5.02 24.73
CA GLU A 190 3.07 -6.34 24.13
C GLU A 190 2.46 -6.27 22.73
N GLU A 191 1.64 -5.24 22.46
CA GLU A 191 1.12 -5.14 21.08
C GLU A 191 2.28 -5.16 20.08
N ASP A 192 3.39 -4.53 20.42
CA ASP A 192 4.58 -4.55 19.58
C ASP A 192 5.42 -5.82 19.83
N THR A 193 5.73 -6.11 21.08
CA THR A 193 6.81 -7.07 21.34
C THR A 193 6.30 -8.52 21.21
N LYS A 194 5.00 -8.73 21.42
CA LYS A 194 4.43 -10.07 21.37
C LYS A 194 3.69 -10.31 20.05
N LEU A 195 3.18 -9.26 19.39
CA LEU A 195 2.29 -9.44 18.25
C LEU A 195 2.95 -8.89 16.98
N LYS A 196 3.16 -7.58 16.88
CA LYS A 196 3.58 -7.02 15.59
C LYS A 196 5.00 -7.44 15.25
N ILE A 197 5.92 -7.31 16.19
CA ILE A 197 7.33 -7.53 15.87
C ILE A 197 7.59 -8.99 15.46
N PRO A 198 7.11 -9.96 16.23
CA PRO A 198 7.28 -11.32 15.75
C PRO A 198 6.65 -11.63 14.39
N LEU A 199 5.49 -11.08 14.10
CA LEU A 199 4.91 -11.32 12.78
C LEU A 199 5.75 -10.64 11.70
N ILE A 200 6.28 -9.46 11.96
CA ILE A 200 7.11 -8.80 10.95
C ILE A 200 8.36 -9.66 10.70
N HIS A 201 9.01 -10.15 11.76
CA HIS A 201 10.16 -11.04 11.58
C HIS A 201 9.77 -12.25 10.71
N ARG A 202 8.60 -12.84 10.97
CA ARG A 202 8.18 -14.01 10.21
C ARG A 202 7.95 -13.64 8.72
N ALA A 203 7.33 -12.50 8.45
CA ALA A 203 7.13 -12.01 7.06
C ALA A 203 8.49 -11.88 6.34
N LEU A 204 9.45 -11.26 7.01
CA LEU A 204 10.77 -11.02 6.43
C LEU A 204 11.49 -12.35 6.16
N GLN A 205 11.27 -13.39 6.98
CA GLN A 205 11.89 -14.66 6.77
C GLN A 205 11.32 -15.32 5.51
N LEU A 206 10.03 -15.17 5.27
CA LEU A 206 9.34 -15.81 4.14
C LEU A 206 9.65 -15.09 2.84
N ALA A 207 9.95 -13.80 2.92
CA ALA A 207 10.24 -13.03 1.71
C ALA A 207 11.63 -13.35 1.13
N GLN A 208 11.71 -13.50 -0.18
CA GLN A 208 12.98 -13.50 -0.92
C GLN A 208 13.34 -12.05 -1.32
N ARG A 209 12.33 -11.23 -1.58
CA ARG A 209 12.55 -9.79 -1.79
C ARG A 209 12.84 -9.09 -0.47
N PRO A 210 13.78 -8.16 -0.46
CA PRO A 210 13.96 -7.29 0.71
C PRO A 210 12.69 -6.50 1.04
N VAL A 211 12.28 -6.53 2.30
CA VAL A 211 11.07 -5.88 2.71
C VAL A 211 11.44 -4.54 3.38
N SER A 212 10.70 -3.49 3.05
CA SER A 212 10.90 -2.14 3.61
C SER A 212 9.78 -1.84 4.61
N LEU A 213 10.14 -1.29 5.77
CA LEU A 213 9.16 -0.91 6.75
C LEU A 213 8.93 0.62 6.72
N LEU A 214 7.68 1.02 6.93
CA LEU A 214 7.26 2.39 7.00
C LEU A 214 6.49 2.58 8.32
N ALA A 215 6.83 3.62 9.10
CA ALA A 215 6.18 3.86 10.38
C ALA A 215 5.38 5.17 10.33
N SER A 216 4.23 5.17 10.99
CA SER A 216 3.39 6.35 11.04
C SER A 216 2.73 6.46 12.42
N PRO A 217 2.80 7.63 13.06
CA PRO A 217 2.00 7.79 14.28
C PRO A 217 0.59 8.37 14.10
N TRP A 218 -0.34 7.98 14.95
CA TRP A 218 -1.67 8.58 14.97
C TRP A 218 -1.77 9.68 16.03
N THR A 219 -1.40 9.38 17.26
CA THR A 219 -1.43 10.41 18.33
C THR A 219 -0.11 10.37 19.09
N SER A 220 0.21 11.51 19.68
CA SER A 220 1.20 11.61 20.72
C SER A 220 0.59 11.26 22.07
N PRO A 221 1.47 11.03 23.06
CA PRO A 221 1.02 11.09 24.45
C PRO A 221 0.11 12.29 24.70
N THR A 222 -0.93 12.12 25.51
CA THR A 222 -1.96 13.13 25.63
C THR A 222 -1.41 14.36 26.36
N TRP A 223 -0.41 14.18 27.20
CA TRP A 223 0.18 15.31 27.96
C TRP A 223 1.02 16.23 27.05
N LEU A 224 1.20 15.86 25.77
CA LEU A 224 1.82 16.76 24.79
C LEU A 224 0.76 17.51 23.98
N LYS A 225 -0.53 17.23 24.20
CA LYS A 225 -1.61 17.76 23.35
C LYS A 225 -2.46 18.80 24.06
N THR A 226 -2.92 19.76 23.25
CA THR A 226 -3.73 20.89 23.71
C THR A 226 -5.04 20.42 24.36
N ASN A 227 -5.59 19.31 23.89
CA ASN A 227 -6.90 18.82 24.36
C ASN A 227 -6.74 17.69 25.40
N GLY A 228 -5.56 17.17 25.61
CA GLY A 228 -5.35 16.17 26.66
C GLY A 228 -6.11 14.86 26.41
N ALA A 229 -6.38 14.54 25.15
CA ALA A 229 -7.08 13.31 24.79
C ALA A 229 -6.45 12.71 23.52
N VAL A 230 -6.60 11.39 23.31
CA VAL A 230 -5.98 10.77 22.11
C VAL A 230 -6.74 11.20 20.84
N ASN A 231 -8.01 11.56 20.99
CA ASN A 231 -8.90 11.83 19.87
C ASN A 231 -9.44 13.27 20.00
N GLY A 232 -10.40 13.65 19.16
CA GLY A 232 -10.90 15.02 19.23
C GLY A 232 -9.94 15.99 18.56
N LYS A 233 -10.37 17.23 18.52
CA LYS A 233 -9.59 18.32 17.94
C LYS A 233 -8.43 18.67 18.90
N GLY A 234 -7.21 18.52 18.43
CA GLY A 234 -6.08 18.90 19.23
C GLY A 234 -4.76 18.67 18.52
N SER A 235 -3.81 19.52 18.86
CA SER A 235 -2.50 19.55 18.27
C SER A 235 -1.46 19.49 19.39
N LEU A 236 -0.18 19.46 19.03
CA LEU A 236 0.86 19.63 20.05
C LEU A 236 0.69 20.98 20.73
N LYS A 237 0.95 21.00 22.02
CA LYS A 237 1.00 22.26 22.74
C LYS A 237 2.20 23.09 22.25
N GLY A 238 2.15 24.40 22.49
CA GLY A 238 3.25 25.26 22.17
C GLY A 238 3.42 25.46 20.67
N GLN A 239 4.66 25.62 20.25
CA GLN A 239 5.02 25.93 18.87
C GLN A 239 6.28 25.15 18.51
N PRO A 240 6.42 24.79 17.22
CA PRO A 240 7.64 24.12 16.79
C PRO A 240 8.90 24.82 17.32
N GLY A 241 9.89 24.00 17.67
CA GLY A 241 11.13 24.45 18.27
C GLY A 241 11.13 24.37 19.78
N ASP A 242 9.97 24.17 20.39
CA ASP A 242 9.90 24.15 21.86
C ASP A 242 9.96 22.73 22.46
N ILE A 243 9.93 22.67 23.78
CA ILE A 243 10.02 21.39 24.50
C ILE A 243 9.00 20.35 24.02
N TYR A 244 7.77 20.76 23.73
CA TYR A 244 6.74 19.80 23.41
C TYR A 244 7.06 19.16 22.05
N HIS A 245 7.48 20.01 21.12
CA HIS A 245 7.80 19.59 19.76
C HIS A 245 9.10 18.78 19.73
N GLN A 246 10.08 19.19 20.51
CA GLN A 246 11.33 18.44 20.60
C GLN A 246 11.09 17.06 21.25
N THR A 247 10.21 17.00 22.24
CA THR A 247 9.89 15.72 22.88
C THR A 247 9.23 14.80 21.86
N TRP A 248 8.29 15.36 21.10
CA TRP A 248 7.57 14.58 20.08
C TRP A 248 8.56 14.08 19.02
N ALA A 249 9.47 14.94 18.54
CA ALA A 249 10.52 14.50 17.59
C ALA A 249 11.37 13.39 18.21
N ARG A 250 11.77 13.53 19.47
CA ARG A 250 12.59 12.54 20.15
C ARG A 250 11.83 11.20 20.27
N TYR A 251 10.53 11.24 20.36
CA TYR A 251 9.70 10.02 20.42
C TYR A 251 9.87 9.20 19.15
N PHE A 252 9.99 9.86 17.99
CA PHE A 252 10.26 9.09 16.76
C PHE A 252 11.60 8.37 16.87
N VAL A 253 12.61 9.03 17.41
CA VAL A 253 13.92 8.40 17.52
C VAL A 253 13.86 7.25 18.54
N LYS A 254 13.16 7.44 19.68
CA LYS A 254 12.99 6.37 20.67
C LYS A 254 12.30 5.16 20.05
N PHE A 255 11.34 5.43 19.18
CA PHE A 255 10.61 4.37 18.49
C PHE A 255 11.56 3.58 17.59
N LEU A 256 12.32 4.29 16.75
CA LEU A 256 13.28 3.64 15.86
C LEU A 256 14.36 2.88 16.65
N ASP A 257 14.83 3.46 17.75
CA ASP A 257 15.78 2.79 18.62
C ASP A 257 15.19 1.49 19.15
N ALA A 258 13.93 1.53 19.57
CA ALA A 258 13.28 0.39 20.22
C ALA A 258 13.11 -0.75 19.21
N TYR A 259 12.64 -0.42 18.00
CA TYR A 259 12.52 -1.46 16.95
C TYR A 259 13.92 -1.96 16.54
N ALA A 260 14.93 -1.08 16.54
CA ALA A 260 16.29 -1.49 16.18
C ALA A 260 16.84 -2.48 17.21
N GLU A 261 16.52 -2.31 18.51
CA GLU A 261 16.88 -3.32 19.53
C GLU A 261 16.25 -4.69 19.20
N HIS A 262 15.15 -4.69 18.46
CA HIS A 262 14.49 -5.91 18.00
C HIS A 262 14.93 -6.30 16.58
N LYS A 263 15.99 -5.68 16.07
CA LYS A 263 16.63 -6.03 14.80
C LYS A 263 15.69 -5.68 13.64
N LEU A 264 14.89 -4.63 13.80
CA LEU A 264 14.09 -4.08 12.67
C LEU A 264 14.50 -2.64 12.40
N GLN A 265 14.77 -2.37 11.13
CA GLN A 265 15.12 -1.03 10.64
C GLN A 265 14.03 -0.55 9.67
N PHE A 266 13.85 0.75 9.64
CA PHE A 266 12.81 1.38 8.85
C PHE A 266 13.41 2.05 7.61
N TRP A 267 12.68 1.91 6.52
CA TRP A 267 12.98 2.59 5.26
C TRP A 267 12.53 4.06 5.37
N ALA A 268 11.35 4.27 5.96
CA ALA A 268 10.74 5.62 6.04
C ALA A 268 9.82 5.74 7.25
N VAL A 269 9.59 7.00 7.63
CA VAL A 269 8.54 7.39 8.57
C VAL A 269 7.72 8.51 7.92
N THR A 270 6.46 8.61 8.29
CA THR A 270 5.65 9.76 7.93
C THR A 270 5.59 10.71 9.11
N ALA A 271 5.34 11.98 8.80
CA ALA A 271 5.39 13.04 9.81
C ALA A 271 4.18 13.00 10.76
N GLU A 272 3.12 12.30 10.39
CA GLU A 272 1.86 12.14 11.11
C GLU A 272 0.86 11.45 10.19
N ASN A 273 0.14 10.45 10.68
CA ASN A 273 -0.98 9.93 9.92
C ASN A 273 -2.13 10.96 9.89
N GLU A 274 -2.57 11.33 8.69
CA GLU A 274 -3.73 12.17 8.48
C GLU A 274 -3.74 13.39 9.41
N PRO A 275 -2.75 14.25 9.28
CA PRO A 275 -2.66 15.46 10.13
C PRO A 275 -3.91 16.35 10.07
N SER A 276 -4.65 16.31 8.96
CA SER A 276 -5.86 17.14 8.83
C SER A 276 -6.95 16.66 9.82
N ALA A 277 -6.95 15.39 10.20
CA ALA A 277 -8.03 14.84 11.03
C ALA A 277 -8.07 15.53 12.39
N GLY A 278 -6.90 15.78 12.97
CA GLY A 278 -6.84 16.36 14.33
C GLY A 278 -7.26 17.83 14.38
N LEU A 279 -7.59 18.43 13.23
CA LEU A 279 -8.10 19.78 13.17
C LEU A 279 -9.63 19.79 13.32
N LEU A 280 -10.26 18.60 13.38
CA LEU A 280 -11.72 18.49 13.29
C LEU A 280 -12.36 18.24 14.65
N SER A 281 -13.31 19.09 15.03
CA SER A 281 -14.08 18.91 16.24
CA SER A 281 -14.09 18.92 16.24
C SER A 281 -14.67 17.49 16.25
N GLY A 282 -14.56 16.83 17.38
CA GLY A 282 -15.18 15.50 17.56
C GLY A 282 -14.48 14.38 16.79
N TYR A 283 -13.27 14.60 16.27
CA TYR A 283 -12.65 13.51 15.54
C TYR A 283 -12.64 12.25 16.42
N PRO A 284 -13.22 11.16 15.91
CA PRO A 284 -13.56 10.02 16.77
C PRO A 284 -12.43 9.16 17.33
N PHE A 285 -11.27 9.12 16.68
CA PHE A 285 -10.18 8.27 17.16
C PHE A 285 -8.83 9.02 17.14
N GLN A 286 -7.76 8.27 17.44
CA GLN A 286 -6.42 8.79 17.64
C GLN A 286 -6.03 9.69 16.47
N CYS A 287 -5.63 10.91 16.81
CA CYS A 287 -5.19 11.86 15.84
C CYS A 287 -4.30 12.93 16.49
N LEU A 288 -3.66 13.72 15.63
CA LEU A 288 -2.84 14.83 16.09
C LEU A 288 -2.84 15.88 14.98
N GLY A 289 -3.45 17.03 15.27
CA GLY A 289 -3.75 18.00 14.23
C GLY A 289 -2.53 18.84 13.85
N PHE A 290 -2.25 18.92 12.54
CA PHE A 290 -1.27 19.88 12.01
C PHE A 290 -1.90 20.60 10.82
N THR A 291 -1.85 21.92 10.82
CA THR A 291 -1.99 22.68 9.56
C THR A 291 -0.75 22.41 8.71
N PRO A 292 -0.80 22.71 7.41
CA PRO A 292 0.43 22.52 6.66
C PRO A 292 1.59 23.39 7.14
N GLU A 293 1.29 24.60 7.61
CA GLU A 293 2.28 25.50 8.22
C GLU A 293 2.89 24.86 9.48
N HIS A 294 2.05 24.23 10.29
CA HIS A 294 2.52 23.58 11.52
C HIS A 294 3.43 22.39 11.16
N GLN A 295 3.00 21.60 10.19
CA GLN A 295 3.84 20.50 9.77
C GLN A 295 5.15 21.03 9.18
N ARG A 296 5.08 22.05 8.37
CA ARG A 296 6.28 22.66 7.78
C ARG A 296 7.29 23.00 8.89
N ASP A 297 6.84 23.74 9.86
CA ASP A 297 7.73 24.20 10.94
C ASP A 297 8.21 23.09 11.87
N PHE A 298 7.35 22.13 12.14
CA PHE A 298 7.72 20.97 12.90
C PHE A 298 8.82 20.18 12.19
N ILE A 299 8.67 19.95 10.88
CA ILE A 299 9.71 19.26 10.15
C ILE A 299 11.01 20.08 10.18
N ALA A 300 10.94 21.37 9.89
CA ALA A 300 12.17 22.17 9.75
C ALA A 300 12.89 22.36 11.08
N ARG A 301 12.14 22.50 12.16
CA ARG A 301 12.76 22.89 13.44
C ARG A 301 13.01 21.70 14.35
N ASP A 302 12.24 20.60 14.21
CA ASP A 302 12.24 19.55 15.22
C ASP A 302 12.50 18.19 14.59
N LEU A 303 11.60 17.72 13.73
CA LEU A 303 11.70 16.33 13.30
C LEU A 303 12.88 16.13 12.34
N GLY A 304 13.08 17.02 11.39
CA GLY A 304 14.18 16.89 10.45
C GLY A 304 15.53 16.85 11.14
N PRO A 305 15.84 17.90 11.91
CA PRO A 305 17.08 18.01 12.65
C PRO A 305 17.25 16.81 13.60
N THR A 306 16.20 16.38 14.29
CA THR A 306 16.31 15.28 15.28
C THR A 306 16.68 13.97 14.55
N LEU A 307 16.01 13.66 13.44
CA LEU A 307 16.31 12.43 12.70
C LEU A 307 17.73 12.50 12.11
N ALA A 308 18.09 13.63 11.49
CA ALA A 308 19.41 13.80 10.88
C ALA A 308 20.53 13.65 11.93
N ASN A 309 20.28 14.08 13.17
CA ASN A 309 21.24 13.98 14.27
C ASN A 309 21.29 12.57 14.88
N SER A 310 20.44 11.64 14.43
CA SER A 310 20.34 10.34 15.08
C SER A 310 21.11 9.29 14.26
N THR A 311 21.24 8.10 14.85
CA THR A 311 21.82 6.96 14.14
C THR A 311 20.89 6.52 13.00
N HIS A 312 19.66 7.04 12.96
CA HIS A 312 18.66 6.64 11.99
C HIS A 312 18.58 7.64 10.82
N HIS A 313 19.63 8.43 10.60
CA HIS A 313 19.54 9.53 9.62
C HIS A 313 19.21 9.04 8.21
N ASN A 314 19.41 7.75 7.89
CA ASN A 314 19.13 7.22 6.56
C ASN A 314 17.63 6.91 6.39
N VAL A 315 16.85 6.96 7.46
CA VAL A 315 15.40 6.81 7.34
C VAL A 315 14.86 8.00 6.56
N ARG A 316 13.98 7.74 5.58
CA ARG A 316 13.39 8.80 4.78
C ARG A 316 12.19 9.36 5.54
N LEU A 317 11.94 10.66 5.36
CA LEU A 317 10.80 11.33 5.94
C LEU A 317 9.81 11.66 4.85
N LEU A 318 8.58 11.18 4.99
CA LEU A 318 7.48 11.50 4.09
C LEU A 318 6.50 12.46 4.76
N MET A 319 6.12 13.50 4.03
CA MET A 319 5.12 14.46 4.50
C MET A 319 3.73 14.03 4.04
N LEU A 320 2.76 14.77 4.58
CA LEU A 320 1.32 14.71 4.27
C LEU A 320 0.71 13.45 4.88
N ASP A 321 0.85 12.26 4.28
CA ASP A 321 0.22 11.04 4.78
C ASP A 321 -1.30 11.24 4.96
N ASP A 322 -1.92 11.77 3.92
CA ASP A 322 -3.29 12.19 4.00
C ASP A 322 -3.87 12.19 2.57
N GLN A 323 -5.12 12.60 2.49
CA GLN A 323 -5.89 12.47 1.25
C GLN A 323 -5.40 13.46 0.18
N ARG A 324 -5.60 13.08 -1.09
CA ARG A 324 -4.98 13.82 -2.18
C ARG A 324 -5.58 15.22 -2.39
N LEU A 325 -6.79 15.55 -1.93
CA LEU A 325 -7.33 16.89 -2.16
C LEU A 325 -6.59 17.98 -1.38
N LEU A 326 -5.74 17.56 -0.44
CA LEU A 326 -4.86 18.50 0.22
C LEU A 326 -3.68 18.92 -0.66
N LEU A 327 -3.51 18.26 -1.79
CA LEU A 327 -2.46 18.63 -2.77
C LEU A 327 -3.07 19.42 -3.93
N PRO A 328 -2.29 20.32 -4.51
CA PRO A 328 -0.87 20.57 -4.22
C PRO A 328 -0.58 21.53 -3.06
N HIS A 329 -1.60 22.17 -2.48
CA HIS A 329 -1.44 23.20 -1.43
C HIS A 329 -0.45 22.78 -0.33
N TRP A 330 -0.60 21.58 0.22
CA TRP A 330 0.26 21.13 1.34
C TRP A 330 1.72 21.03 0.91
N ALA A 331 1.96 20.51 -0.29
CA ALA A 331 3.29 20.41 -0.86
C ALA A 331 3.85 21.83 -1.07
N LYS A 332 3.04 22.75 -1.59
CA LYS A 332 3.49 24.13 -1.76
C LYS A 332 3.93 24.71 -0.41
N VAL A 333 3.11 24.54 0.62
CA VAL A 333 3.39 25.18 1.90
C VAL A 333 4.69 24.61 2.48
N VAL A 334 4.85 23.28 2.45
CA VAL A 334 6.01 22.66 3.10
C VAL A 334 7.27 22.82 2.22
N LEU A 335 7.16 22.56 0.92
CA LEU A 335 8.37 22.35 0.13
C LEU A 335 8.91 23.69 -0.42
N THR A 336 8.16 24.78 -0.31
CA THR A 336 8.69 26.07 -0.72
C THR A 336 9.49 26.70 0.42
N ASP A 337 9.45 26.11 1.62
CA ASP A 337 10.35 26.51 2.71
C ASP A 337 11.64 25.68 2.63
N PRO A 338 12.75 26.30 2.25
CA PRO A 338 13.94 25.47 2.05
C PRO A 338 14.38 24.74 3.33
N GLU A 339 14.13 25.32 4.50
CA GLU A 339 14.53 24.68 5.76
C GLU A 339 13.70 23.42 6.02
N ALA A 340 12.46 23.34 5.53
CA ALA A 340 11.67 22.12 5.68
C ALA A 340 12.00 21.19 4.51
N ALA A 341 12.17 21.79 3.35
CA ALA A 341 12.28 21.01 2.14
C ALA A 341 13.50 20.08 2.20
N LYS A 342 14.57 20.52 2.85
CA LYS A 342 15.81 19.73 2.82
C LYS A 342 15.68 18.42 3.60
N TYR A 343 14.63 18.27 4.39
CA TYR A 343 14.42 17.07 5.21
C TYR A 343 13.34 16.16 4.62
N VAL A 344 12.63 16.58 3.57
CA VAL A 344 11.47 15.83 3.11
C VAL A 344 11.86 15.04 1.87
N HIS A 345 11.74 13.72 1.96
CA HIS A 345 12.11 12.81 0.87
C HIS A 345 10.92 12.60 -0.07
N GLY A 346 9.73 12.66 0.44
CA GLY A 346 8.58 12.24 -0.36
C GLY A 346 7.28 12.73 0.23
N ILE A 347 6.21 12.54 -0.51
CA ILE A 347 4.87 12.90 -0.12
C ILE A 347 4.05 11.61 -0.08
N ALA A 348 3.50 11.28 1.07
CA ALA A 348 2.66 10.11 1.26
C ALA A 348 1.19 10.52 1.09
N VAL A 349 0.46 9.73 0.29
CA VAL A 349 -0.95 10.00 0.02
CA VAL A 349 -0.94 9.99 0.01
C VAL A 349 -1.79 8.78 0.41
N HIS A 350 -3.00 9.05 0.86
CA HIS A 350 -4.01 8.06 1.19
C HIS A 350 -5.10 8.08 0.12
N TRP A 351 -5.63 6.89 -0.15
CA TRP A 351 -6.70 6.69 -1.12
C TRP A 351 -7.94 6.14 -0.42
N TYR A 352 -8.97 6.94 -0.21
CA TYR A 352 -10.25 6.41 0.25
C TYR A 352 -11.00 6.02 -1.01
N LEU A 353 -10.99 4.73 -1.32
CA LEU A 353 -11.45 4.30 -2.63
C LEU A 353 -12.99 4.39 -2.74
N ASP A 354 -13.69 4.54 -1.61
CA ASP A 354 -15.14 4.74 -1.62
C ASP A 354 -15.58 6.10 -2.17
N PHE A 355 -14.64 7.04 -2.30
CA PHE A 355 -15.00 8.44 -2.54
C PHE A 355 -14.29 8.95 -3.80
N LEU A 356 -14.95 9.89 -4.47
CA LEU A 356 -14.42 10.51 -5.68
C LEU A 356 -13.53 11.71 -5.33
N ALA A 357 -12.37 11.79 -5.99
CA ALA A 357 -11.56 13.05 -5.97
C ALA A 357 -10.68 13.09 -7.23
N PRO A 358 -10.34 14.30 -7.71
CA PRO A 358 -9.53 14.42 -8.94
C PRO A 358 -8.07 13.90 -8.77
N ALA A 359 -7.47 13.38 -9.83
CA ALA A 359 -6.08 12.84 -9.86
C ALA A 359 -5.13 13.82 -10.55
N LYS A 360 -5.53 14.33 -11.71
CA LYS A 360 -4.68 15.24 -12.41
C LYS A 360 -4.49 16.53 -11.59
N ALA A 361 -5.54 17.11 -10.99
CA ALA A 361 -5.45 18.38 -10.28
C ALA A 361 -4.69 18.23 -8.94
N THR A 362 -4.47 17.01 -8.47
CA THR A 362 -3.81 16.76 -7.16
C THR A 362 -2.41 16.18 -7.41
N LEU A 363 -2.33 14.90 -7.75
CA LEU A 363 -1.06 14.19 -8.02
C LEU A 363 -0.33 14.79 -9.23
N GLY A 364 -1.08 15.07 -10.30
CA GLY A 364 -0.51 15.63 -11.53
C GLY A 364 0.18 16.96 -11.28
N GLU A 365 -0.57 17.85 -10.66
CA GLU A 365 -0.11 19.20 -10.38
C GLU A 365 1.06 19.14 -9.38
N THR A 366 1.01 18.24 -8.41
CA THR A 366 2.07 18.15 -7.42
C THR A 366 3.37 17.70 -8.08
N HIS A 367 3.26 16.72 -8.96
CA HIS A 367 4.44 16.26 -9.68
C HIS A 367 5.00 17.33 -10.60
N ARG A 368 4.14 18.14 -11.24
CA ARG A 368 4.59 19.20 -12.13
C ARG A 368 5.37 20.25 -11.33
N LEU A 369 4.86 20.61 -10.15
CA LEU A 369 5.47 21.68 -9.35
C LEU A 369 6.69 21.15 -8.58
N PHE A 370 6.69 19.89 -8.16
CA PHE A 370 7.77 19.33 -7.34
C PHE A 370 8.23 17.97 -7.89
N PRO A 371 8.78 17.94 -9.11
CA PRO A 371 9.08 16.66 -9.75
C PRO A 371 10.17 15.82 -9.04
N ASN A 372 10.98 16.44 -8.20
CA ASN A 372 12.07 15.72 -7.57
C ASN A 372 11.67 15.17 -6.19
N THR A 373 10.43 15.40 -5.75
CA THR A 373 9.92 14.87 -4.48
C THR A 373 8.96 13.72 -4.79
N MET A 374 9.36 12.52 -4.48
CA MET A 374 8.58 11.35 -4.86
CA MET A 374 8.58 11.35 -4.88
C MET A 374 7.21 11.36 -4.16
N LEU A 375 6.21 10.78 -4.85
CA LEU A 375 4.86 10.54 -4.37
C LEU A 375 4.75 9.04 -4.07
N PHE A 376 4.13 8.71 -2.95
CA PHE A 376 4.01 7.35 -2.46
C PHE A 376 2.62 7.17 -1.85
N ALA A 377 1.90 6.12 -2.19
CA ALA A 377 0.57 5.87 -1.58
C ALA A 377 0.77 4.98 -0.35
N SER A 378 0.50 5.56 0.82
CA SER A 378 0.80 4.92 2.09
C SER A 378 -0.40 4.24 2.71
N GLU A 379 -1.61 4.41 2.17
CA GLU A 379 -2.81 3.78 2.73
C GLU A 379 -3.90 3.84 1.69
N ALA A 380 -4.63 2.76 1.56
CA ALA A 380 -5.82 2.69 0.76
C ALA A 380 -6.82 1.78 1.46
N VAL A 382 -11.26 0.40 1.33
CA VAL A 382 -12.60 0.40 0.79
C VAL A 382 -13.53 -0.19 1.86
N GLY A 383 -14.80 0.11 1.75
CA GLY A 383 -15.82 -0.45 2.65
C GLY A 383 -16.08 0.44 3.85
N SER A 384 -15.59 1.68 3.84
CA SER A 384 -15.69 2.51 5.06
C SER A 384 -17.05 3.24 5.15
N LYS A 385 -17.83 3.29 4.06
CA LYS A 385 -19.17 3.93 4.11
C LYS A 385 -20.03 3.15 5.11
N PHE A 386 -20.72 3.83 6.03
CA PHE A 386 -21.48 3.09 7.07
C PHE A 386 -22.59 2.23 6.45
N TRP A 387 -23.07 2.58 5.25
CA TRP A 387 -24.24 1.96 4.70
C TRP A 387 -23.93 0.82 3.76
N GLU A 388 -22.65 0.51 3.57
CA GLU A 388 -22.25 -0.64 2.83
C GLU A 388 -21.68 -1.63 3.82
N GLN A 389 -21.86 -2.89 3.53
CA GLN A 389 -21.27 -3.89 4.33
C GLN A 389 -19.76 -3.66 4.35
N SER A 390 -19.14 -3.66 5.54
CA SER A 390 -17.72 -3.41 5.63
C SER A 390 -16.94 -4.47 4.86
N VAL A 391 -17.31 -5.73 5.04
CA VAL A 391 -16.70 -6.81 4.35
C VAL A 391 -17.73 -7.40 3.39
N ARG A 392 -17.43 -7.36 2.10
CA ARG A 392 -18.25 -7.98 1.08
C ARG A 392 -17.47 -9.14 0.47
N LEU A 393 -17.69 -10.36 0.99
CA LEU A 393 -16.87 -11.49 0.61
C LEU A 393 -17.16 -11.86 -0.85
N GLY A 394 -16.14 -11.64 -1.69
CA GLY A 394 -16.20 -12.00 -3.09
C GLY A 394 -16.56 -10.84 -4.00
N SER A 395 -16.53 -9.61 -3.51
CA SER A 395 -16.89 -8.42 -4.35
C SER A 395 -15.87 -8.17 -5.48
N TRP A 396 -16.27 -8.43 -6.72
CA TRP A 396 -15.37 -8.10 -7.83
C TRP A 396 -15.22 -6.59 -7.95
N ASP A 397 -16.29 -5.85 -7.70
CA ASP A 397 -16.23 -4.40 -7.81
C ASP A 397 -15.16 -3.82 -6.91
N ARG A 398 -15.07 -4.30 -5.66
CA ARG A 398 -14.03 -3.77 -4.80
C ARG A 398 -12.62 -4.16 -5.30
N GLY A 399 -12.48 -5.33 -5.89
CA GLY A 399 -11.24 -5.70 -6.53
C GLY A 399 -10.87 -4.71 -7.64
N MET A 400 -11.81 -4.45 -8.52
CA MET A 400 -11.62 -3.48 -9.62
C MET A 400 -11.29 -2.09 -9.08
N GLN A 401 -11.84 -1.69 -7.94
CA GLN A 401 -11.46 -0.40 -7.33
C GLN A 401 -9.99 -0.39 -6.96
N TYR A 402 -9.46 -1.48 -6.41
CA TYR A 402 -8.08 -1.58 -6.04
C TYR A 402 -7.21 -1.46 -7.30
N SER A 403 -7.49 -2.27 -8.32
CA SER A 403 -6.56 -2.26 -9.45
C SER A 403 -6.68 -0.95 -10.24
N HIS A 404 -7.88 -0.40 -10.36
CA HIS A 404 -8.02 0.88 -11.06
C HIS A 404 -7.24 1.98 -10.33
N SER A 405 -7.29 1.96 -9.03
CA SER A 405 -6.55 2.89 -8.17
CA SER A 405 -6.56 2.92 -8.20
C SER A 405 -5.04 2.75 -8.35
N ILE A 406 -4.57 1.52 -8.35
CA ILE A 406 -3.17 1.27 -8.51
C ILE A 406 -2.71 1.77 -9.89
N ILE A 407 -3.47 1.45 -10.94
CA ILE A 407 -3.10 1.95 -12.29
C ILE A 407 -3.06 3.48 -12.29
N THR A 408 -4.10 4.12 -11.75
CA THR A 408 -4.16 5.58 -11.69
C THR A 408 -2.93 6.13 -10.96
N ASN A 409 -2.62 5.55 -9.82
CA ASN A 409 -1.44 5.96 -9.05
C ASN A 409 -0.17 5.86 -9.88
N LEU A 410 0.04 4.72 -10.54
CA LEU A 410 1.28 4.52 -11.28
C LEU A 410 1.34 5.45 -12.49
N LEU A 411 0.20 5.79 -13.10
CA LEU A 411 0.20 6.72 -14.26
C LEU A 411 0.38 8.18 -13.82
N TYR A 412 0.21 8.47 -12.55
CA TYR A 412 0.47 9.79 -11.98
C TYR A 412 1.72 9.77 -11.11
N HIS A 413 2.74 8.94 -11.44
CA HIS A 413 4.11 9.09 -10.97
C HIS A 413 4.31 8.54 -9.56
N VAL A 414 3.31 7.86 -9.01
CA VAL A 414 3.43 7.38 -7.61
C VAL A 414 4.32 6.13 -7.60
N VAL A 415 5.20 6.00 -6.60
CA VAL A 415 6.29 5.01 -6.65
C VAL A 415 5.94 3.72 -5.88
N GLY A 416 4.82 3.73 -5.17
CA GLY A 416 4.48 2.55 -4.37
C GLY A 416 3.06 2.66 -3.90
N TRP A 417 2.54 1.53 -3.42
CA TRP A 417 1.12 1.47 -3.01
CA TRP A 417 1.16 1.42 -3.03
C TRP A 417 1.04 0.51 -1.81
N THR A 418 0.46 1.06 -0.76
CA THR A 418 0.36 0.33 0.48
C THR A 418 -1.11 0.20 0.90
N ASP A 419 -1.58 -1.05 1.01
CA ASP A 419 -2.91 -1.32 1.49
C ASP A 419 -2.97 -1.00 3.00
N TRP A 420 -4.17 -0.96 3.51
CA TRP A 420 -4.40 -0.80 4.94
C TRP A 420 -4.30 -2.18 5.63
N ASN A 421 -5.16 -2.51 6.57
CA ASN A 421 -4.98 -3.72 7.38
C ASN A 421 -4.70 -4.97 6.54
N LEU A 422 -3.65 -5.71 6.88
CA LEU A 422 -3.35 -6.97 6.14
C LEU A 422 -4.45 -8.02 6.29
N ALA A 423 -5.21 -8.01 7.38
CA ALA A 423 -6.26 -9.03 7.59
C ALA A 423 -7.27 -8.45 8.58
N LEU A 424 -8.52 -8.74 8.37
CA LEU A 424 -9.58 -8.37 9.30
C LEU A 424 -10.51 -9.57 9.51
N ASN A 425 -11.35 -9.42 10.53
CA ASN A 425 -12.37 -10.44 10.83
C ASN A 425 -13.58 -10.21 9.89
N PRO A 426 -14.59 -11.07 9.93
CA PRO A 426 -15.77 -10.89 9.05
C PRO A 426 -16.60 -9.61 9.22
N GLU A 427 -16.45 -8.94 10.35
CA GLU A 427 -17.11 -7.66 10.64
C GLU A 427 -16.28 -6.48 10.11
N GLY A 428 -15.03 -6.72 9.72
CA GLY A 428 -14.09 -5.70 9.29
C GLY A 428 -13.33 -5.06 10.45
N GLY A 429 -13.15 -5.84 11.51
CA GLY A 429 -12.48 -5.36 12.72
C GLY A 429 -11.43 -6.36 13.19
N PRO A 430 -11.02 -6.26 14.45
CA PRO A 430 -11.61 -5.35 15.44
C PRO A 430 -11.19 -3.89 15.26
N ASN A 431 -11.95 -3.00 15.88
CA ASN A 431 -11.75 -1.57 15.77
C ASN A 431 -12.48 -0.93 16.95
N TRP A 432 -11.75 -0.22 17.81
CA TRP A 432 -12.34 0.24 19.04
C TRP A 432 -13.44 1.30 18.87
N VAL A 433 -13.54 1.96 17.72
CA VAL A 433 -14.63 2.91 17.47
C VAL A 433 -15.59 2.35 16.42
N ARG A 434 -15.47 1.06 16.11
CA ARG A 434 -16.39 0.38 15.17
C ARG A 434 -16.30 1.01 13.76
N ASN A 435 -15.14 1.52 13.39
CA ASN A 435 -14.86 2.08 12.07
C ASN A 435 -14.42 0.96 11.11
N PHE A 436 -15.32 0.01 10.88
CA PHE A 436 -14.95 -1.22 10.19
C PHE A 436 -14.80 -0.98 8.68
N VAL A 437 -13.94 -1.78 8.04
CA VAL A 437 -13.64 -1.62 6.61
C VAL A 437 -13.36 -3.01 6.04
N ASP A 438 -13.14 -3.10 4.74
CA ASP A 438 -12.81 -4.37 4.12
C ASP A 438 -11.27 -4.59 4.13
N SER A 439 -10.85 -5.79 3.81
CA SER A 439 -9.42 -6.17 3.74
C SER A 439 -9.28 -7.28 2.71
N PRO A 440 -8.11 -7.38 2.03
CA PRO A 440 -7.92 -8.45 1.06
C PRO A 440 -8.00 -9.87 1.66
N ILE A 441 -7.74 -10.00 2.96
CA ILE A 441 -7.84 -11.29 3.62
C ILE A 441 -8.74 -11.14 4.85
N ILE A 442 -9.71 -12.04 4.92
CA ILE A 442 -10.69 -12.05 5.99
C ILE A 442 -10.55 -13.38 6.76
N VAL A 443 -10.33 -13.26 8.05
CA VAL A 443 -10.12 -14.42 8.93
CA VAL A 443 -10.12 -14.45 8.92
C VAL A 443 -11.43 -14.85 9.59
N ASP A 444 -11.73 -16.16 9.55
CA ASP A 444 -12.86 -16.70 10.27
C ASP A 444 -12.35 -17.74 11.25
N ILE A 445 -12.15 -17.30 12.49
CA ILE A 445 -11.47 -18.08 13.52
C ILE A 445 -12.30 -19.32 13.90
N THR A 446 -13.62 -19.22 13.81
CA THR A 446 -14.48 -20.35 14.20
C THR A 446 -14.30 -21.55 13.27
N LYS A 447 -13.78 -21.32 12.06
CA LYS A 447 -13.52 -22.39 11.10
C LYS A 447 -12.01 -22.57 10.86
N ASP A 448 -11.18 -21.83 11.58
CA ASP A 448 -9.74 -21.75 11.33
C ASP A 448 -9.48 -21.63 9.84
N THR A 449 -10.16 -20.66 9.26
CA THR A 449 -10.19 -20.45 7.81
C THR A 449 -9.87 -18.98 7.55
N PHE A 450 -9.28 -18.70 6.40
CA PHE A 450 -9.26 -17.34 5.92
C PHE A 450 -9.66 -17.32 4.45
N TYR A 451 -10.18 -16.16 4.03
CA TYR A 451 -10.72 -15.97 2.67
C TYR A 451 -9.89 -14.91 1.96
N LYS A 452 -9.41 -15.24 0.75
CA LYS A 452 -8.72 -14.28 -0.08
C LYS A 452 -9.74 -13.64 -1.03
N GLN A 453 -9.90 -12.34 -0.87
CA GLN A 453 -10.87 -11.51 -1.60
C GLN A 453 -10.37 -11.23 -3.01
N PRO A 454 -11.28 -10.91 -3.92
CA PRO A 454 -10.84 -10.37 -5.22
C PRO A 454 -9.80 -9.26 -5.04
N MET A 455 -9.92 -8.36 -4.05
CA MET A 455 -8.92 -7.32 -3.83
C MET A 455 -7.48 -7.92 -3.71
N PHE A 456 -7.35 -9.08 -3.07
CA PHE A 456 -6.02 -9.74 -2.91
C PHE A 456 -5.40 -10.00 -4.29
N TYR A 457 -6.18 -10.57 -5.21
CA TYR A 457 -5.69 -10.93 -6.53
C TYR A 457 -5.48 -9.68 -7.38
N HIS A 458 -6.38 -8.71 -7.26
CA HIS A 458 -6.17 -7.45 -8.02
C HIS A 458 -4.86 -6.77 -7.58
N LEU A 459 -4.56 -6.74 -6.28
CA LEU A 459 -3.27 -6.17 -5.82
CA LEU A 459 -3.28 -6.20 -5.80
C LEU A 459 -2.13 -7.06 -6.33
N GLY A 460 -2.28 -8.38 -6.26
CA GLY A 460 -1.19 -9.28 -6.61
C GLY A 460 -0.80 -9.24 -8.10
N HIS A 461 -1.75 -8.87 -8.96
CA HIS A 461 -1.45 -8.65 -10.40
C HIS A 461 -0.34 -7.61 -10.56
N PHE A 462 -0.19 -6.74 -9.55
CA PHE A 462 0.87 -5.78 -9.54
C PHE A 462 2.04 -6.22 -8.65
N SER A 463 1.75 -6.52 -7.38
CA SER A 463 2.83 -6.75 -6.43
C SER A 463 3.71 -7.92 -6.84
N LYS A 464 3.10 -8.97 -7.40
CA LYS A 464 3.85 -10.15 -7.65
C LYS A 464 4.85 -9.94 -8.80
N PHE A 465 4.50 -9.04 -9.71
CA PHE A 465 5.15 -8.94 -11.01
C PHE A 465 5.90 -7.62 -11.20
N ILE A 466 6.02 -6.81 -10.18
CA ILE A 466 6.67 -5.51 -10.29
C ILE A 466 7.69 -5.40 -9.13
N PRO A 467 8.89 -5.92 -9.36
CA PRO A 467 9.87 -5.80 -8.29
C PRO A 467 10.35 -4.37 -8.02
N GLU A 468 10.85 -4.13 -6.83
CA GLU A 468 11.44 -2.87 -6.49
C GLU A 468 12.51 -2.52 -7.52
N GLY A 469 12.45 -1.28 -7.99
CA GLY A 469 13.42 -0.77 -8.94
C GLY A 469 12.92 -0.86 -10.36
N SER A 470 11.76 -1.48 -10.55
CA SER A 470 11.06 -1.46 -11.85
C SER A 470 10.78 0.00 -12.21
N GLN A 471 10.72 0.32 -13.50
CA GLN A 471 10.47 1.68 -13.91
C GLN A 471 9.23 1.70 -14.80
N ARG A 472 8.30 2.59 -14.49
N ARG A 472 8.27 2.59 -14.50
CA ARG A 472 7.13 2.79 -15.35
CA ARG A 472 7.11 2.72 -15.40
C ARG A 472 7.62 3.30 -16.72
C ARG A 472 7.61 3.29 -16.73
N VAL A 473 7.04 2.76 -17.80
CA VAL A 473 7.33 3.23 -19.16
C VAL A 473 6.01 3.53 -19.86
N GLY A 474 6.11 4.15 -21.01
CA GLY A 474 4.94 4.56 -21.73
C GLY A 474 4.26 3.39 -22.41
N LEU A 475 2.99 3.58 -22.68
CA LEU A 475 2.14 2.58 -23.40
C LEU A 475 1.05 3.35 -24.13
N VAL A 476 1.12 3.36 -25.45
CA VAL A 476 0.30 4.25 -26.26
C VAL A 476 -0.79 3.44 -26.97
N ALA A 477 -2.06 3.83 -26.78
CA ALA A 477 -3.18 3.18 -27.49
C ALA A 477 -3.38 3.79 -28.89
N SER A 478 -3.67 2.91 -29.84
CA SER A 478 -3.88 3.30 -31.23
C SER A 478 -5.26 3.93 -31.43
N GLN A 479 -6.19 3.68 -30.52
CA GLN A 479 -7.55 4.18 -30.65
C GLN A 479 -8.21 4.24 -29.27
N LYS A 480 -9.30 5.01 -29.22
CA LYS A 480 -10.11 5.16 -28.03
C LYS A 480 -10.56 3.76 -27.57
N ASN A 481 -10.54 3.52 -26.27
CA ASN A 481 -10.85 2.19 -25.75
C ASN A 481 -11.27 2.30 -24.29
N ASP A 482 -11.86 1.21 -23.78
CA ASP A 482 -12.35 1.15 -22.41
C ASP A 482 -11.44 0.38 -21.45
N LEU A 483 -10.18 0.15 -21.81
CA LEU A 483 -9.24 -0.61 -20.97
C LEU A 483 -8.39 0.36 -20.14
N ASP A 484 -8.00 -0.10 -18.97
CA ASP A 484 -7.00 0.57 -18.12
C ASP A 484 -5.74 -0.24 -18.18
N ALA A 485 -4.59 0.39 -18.39
CA ALA A 485 -3.35 -0.40 -18.50
C ALA A 485 -2.13 0.41 -18.08
N VAL A 486 -1.09 -0.31 -17.66
CA VAL A 486 0.18 0.27 -17.28
C VAL A 486 1.28 -0.71 -17.69
N ALA A 487 2.40 -0.16 -18.12
CA ALA A 487 3.59 -0.92 -18.51
C ALA A 487 4.79 -0.48 -17.67
N LEU A 488 5.61 -1.46 -17.31
CA LEU A 488 6.85 -1.17 -16.57
C LEU A 488 7.96 -2.08 -17.11
N MET A 489 9.18 -1.69 -16.84
CA MET A 489 10.34 -2.46 -17.17
C MET A 489 11.01 -2.88 -15.87
N HIS A 490 11.28 -4.17 -15.74
CA HIS A 490 12.03 -4.70 -14.57
C HIS A 490 13.48 -4.21 -14.59
N PRO A 491 14.15 -4.23 -13.41
CA PRO A 491 15.56 -3.92 -13.39
C PRO A 491 16.42 -4.75 -14.36
N ASP A 492 15.99 -5.97 -14.67
CA ASP A 492 16.74 -6.80 -15.59
C ASP A 492 16.34 -6.60 -17.05
N GLY A 493 15.44 -5.64 -17.32
CA GLY A 493 15.08 -5.30 -18.68
C GLY A 493 13.80 -5.97 -19.16
N SER A 494 13.23 -6.87 -18.39
CA SER A 494 12.03 -7.60 -18.79
C SER A 494 10.81 -6.68 -18.73
N ALA A 495 9.78 -7.00 -19.48
CA ALA A 495 8.57 -6.18 -19.56
C ALA A 495 7.43 -6.78 -18.76
N VAL A 496 6.64 -5.89 -18.16
CA VAL A 496 5.39 -6.27 -17.52
C VAL A 496 4.31 -5.26 -17.92
N VAL A 497 3.13 -5.77 -18.27
CA VAL A 497 2.00 -4.94 -18.59
C VAL A 497 0.78 -5.47 -17.85
N VAL A 498 0.06 -4.58 -17.15
CA VAL A 498 -1.20 -4.99 -16.48
C VAL A 498 -2.34 -4.33 -17.25
N VAL A 499 -3.35 -5.13 -17.59
CA VAL A 499 -4.52 -4.68 -18.32
C VAL A 499 -5.79 -5.02 -17.54
N LEU A 500 -6.56 -3.99 -17.21
CA LEU A 500 -7.81 -4.11 -16.47
C LEU A 500 -8.98 -3.75 -17.38
N ASN A 501 -9.99 -4.60 -17.43
CA ASN A 501 -11.19 -4.36 -18.15
C ASN A 501 -12.36 -4.29 -17.15
N ARG A 502 -12.84 -3.08 -16.88
CA ARG A 502 -13.97 -2.89 -15.97
C ARG A 502 -15.31 -2.94 -16.72
N SER A 503 -15.28 -3.19 -18.05
CA SER A 503 -16.47 -3.29 -18.90
C SER A 503 -16.93 -4.74 -19.01
N SER A 504 -18.14 -4.94 -19.50
CA SER A 504 -18.71 -6.24 -19.70
C SER A 504 -18.26 -6.84 -21.04
N LYS A 505 -17.56 -6.09 -21.87
CA LYS A 505 -17.29 -6.57 -23.26
C LYS A 505 -15.86 -7.12 -23.38
N ASP A 506 -15.74 -8.26 -24.06
CA ASP A 506 -14.43 -8.82 -24.36
C ASP A 506 -13.75 -7.97 -25.44
N VAL A 507 -12.52 -7.53 -25.20
CA VAL A 507 -11.84 -6.60 -26.12
C VAL A 507 -10.59 -7.32 -26.66
N PRO A 508 -10.60 -7.68 -27.95
CA PRO A 508 -9.38 -8.19 -28.57
C PRO A 508 -8.33 -7.06 -28.59
N LEU A 509 -7.08 -7.40 -28.34
CA LEU A 509 -6.05 -6.38 -28.51
C LEU A 509 -4.70 -7.02 -28.81
N THR A 510 -3.82 -6.15 -29.24
CA THR A 510 -2.47 -6.52 -29.52
C THR A 510 -1.55 -5.59 -28.73
N ILE A 511 -0.54 -6.16 -28.11
CA ILE A 511 0.53 -5.36 -27.49
C ILE A 511 1.77 -5.44 -28.40
N LYS A 512 2.29 -4.28 -28.79
CA LYS A 512 3.48 -4.21 -29.61
C LYS A 512 4.67 -3.81 -28.75
N ASP A 513 5.71 -4.63 -28.79
CA ASP A 513 7.01 -4.26 -28.24
C ASP A 513 7.87 -4.05 -29.47
N PRO A 514 8.19 -2.77 -29.78
CA PRO A 514 8.87 -2.50 -31.03
C PRO A 514 10.20 -3.24 -31.18
N ALA A 515 10.87 -3.60 -30.08
CA ALA A 515 12.14 -4.33 -30.18
C ALA A 515 11.89 -5.81 -30.49
N VAL A 516 10.73 -6.33 -30.18
CA VAL A 516 10.56 -7.78 -29.88
C VAL A 516 9.48 -8.41 -30.76
N GLY A 517 8.36 -7.71 -30.93
CA GLY A 517 7.25 -8.17 -31.76
C GLY A 517 5.92 -7.93 -31.06
N PHE A 518 4.94 -8.80 -31.38
CA PHE A 518 3.55 -8.56 -31.05
C PHE A 518 2.96 -9.70 -30.21
N LEU A 519 2.16 -9.31 -29.22
CA LEU A 519 1.43 -10.20 -28.30
C LEU A 519 -0.03 -10.10 -28.71
N GLU A 520 -0.60 -11.13 -29.32
CA GLU A 520 -2.00 -11.09 -29.73
C GLU A 520 -2.79 -11.69 -28.56
N THR A 521 -3.77 -10.95 -28.08
CA THR A 521 -4.44 -11.37 -26.90
C THR A 521 -5.88 -10.83 -26.88
N ILE A 522 -6.50 -11.00 -25.74
CA ILE A 522 -7.85 -10.60 -25.50
C ILE A 522 -7.93 -10.13 -24.05
N SER A 523 -8.73 -9.10 -23.81
CA SER A 523 -9.05 -8.62 -22.45
C SER A 523 -10.54 -8.92 -22.23
N PRO A 524 -10.87 -10.05 -21.64
CA PRO A 524 -12.28 -10.35 -21.36
C PRO A 524 -12.96 -9.30 -20.47
N GLY A 525 -14.26 -9.11 -20.66
CA GLY A 525 -15.04 -8.33 -19.74
C GLY A 525 -14.81 -8.76 -18.29
N TYR A 526 -14.72 -7.76 -17.40
CA TYR A 526 -14.51 -8.01 -15.98
C TYR A 526 -13.30 -8.93 -15.74
N SER A 527 -12.17 -8.58 -16.33
CA SER A 527 -10.93 -9.33 -16.14
C SER A 527 -9.79 -8.41 -15.76
N ILE A 528 -8.77 -9.05 -15.23
CA ILE A 528 -7.50 -8.38 -15.11
C ILE A 528 -6.43 -9.38 -15.55
N HIS A 529 -5.50 -8.88 -16.35
CA HIS A 529 -4.38 -9.65 -16.85
C HIS A 529 -3.03 -8.99 -16.52
N THR A 530 -2.03 -9.80 -16.18
CA THR A 530 -0.65 -9.36 -16.21
C THR A 530 0.13 -10.15 -17.27
N TYR A 531 0.82 -9.43 -18.14
CA TYR A 531 1.67 -9.99 -19.18
C TYR A 531 3.14 -9.75 -18.81
N LEU A 532 3.98 -10.75 -19.05
CA LEU A 532 5.41 -10.70 -18.77
C LEU A 532 6.18 -11.29 -19.95
N TRP A 533 7.31 -10.68 -20.32
CA TRP A 533 8.14 -11.27 -21.33
C TRP A 533 9.57 -10.74 -21.23
N ARG A 534 10.50 -11.57 -21.69
CA ARG A 534 11.89 -11.17 -21.84
C ARG A 534 12.06 -10.37 -23.15
N ARG A 535 12.99 -9.44 -23.11
CA ARG A 535 13.27 -8.55 -24.24
C ARG A 535 14.71 -8.74 -24.74
N GLN A 536 14.87 -9.31 -25.92
CA GLN A 536 16.20 -9.37 -26.60
C GLN A 536 16.33 -8.12 -27.48
N HIS A 537 17.52 -7.53 -27.58
CA HIS A 537 17.72 -6.32 -28.41
C HIS A 537 18.47 -6.69 -29.68
#